data_5YI8
#
_entry.id   5YI8
#
_cell.length_a   43.392
_cell.length_b   43.392
_cell.length_c   181.304
_cell.angle_alpha   90.000
_cell.angle_beta   90.000
_cell.angle_gamma   120.000
#
_symmetry.space_group_name_H-M   'P 32 2 1'
#
loop_
_entity.id
_entity.type
_entity.pdbx_description
1 polymer 'Protein numb'
2 polymer 'Pon peptide from Partner of numb'
3 non-polymer 'FORMIC ACID'
4 water water
#
loop_
_entity_poly.entity_id
_entity_poly.type
_entity_poly.pdbx_seq_one_letter_code
_entity_poly.pdbx_strand_id
1 'polypeptide(L)'
;GSKPHQWQADEEAVRSATCSFSVKYLGCVEVFESRGMQVCEEALKVLRQSRRRPVRGLLHVSGDGLRVVDDETKGLIVDQ
TIEKVSFCAPDRNHERGFSYICRDGTTRRWMCHGFLACKDSGERLSHAVGCAFAVCLERKQ
;
A
2 'polypeptide(L)' KKKKREHACFENPGLNLELPEKQFNPYEVVRSA B
#
loop_
_chem_comp.id
_chem_comp.type
_chem_comp.name
_chem_comp.formula
FMT non-polymer 'FORMIC ACID' 'C H2 O2'
#
# COMPACT_ATOMS: atom_id res chain seq x y z
N SER A 2 1.67 20.33 11.65
CA SER A 2 2.62 20.90 10.70
C SER A 2 2.58 20.27 9.29
N LYS A 3 1.58 19.45 9.01
CA LYS A 3 1.38 18.95 7.66
C LYS A 3 0.64 19.97 6.81
N PRO A 4 0.66 19.82 5.48
CA PRO A 4 -0.28 20.56 4.64
C PRO A 4 -1.71 20.26 5.07
N HIS A 5 -2.58 21.26 4.91
CA HIS A 5 -3.97 21.09 5.32
C HIS A 5 -4.60 19.81 4.76
N GLN A 6 -4.46 19.59 3.46
CA GLN A 6 -5.09 18.42 2.86
C GLN A 6 -4.57 17.12 3.48
N TRP A 7 -3.27 17.08 3.77
CA TRP A 7 -2.68 15.90 4.42
C TRP A 7 -3.16 15.76 5.87
N GLN A 8 -3.26 16.86 6.63
CA GLN A 8 -3.78 16.77 7.99
C GLN A 8 -5.22 16.22 8.01
N ALA A 9 -6.07 16.72 7.09
CA ALA A 9 -7.43 16.21 6.95
C ALA A 9 -7.44 14.72 6.57
N ASP A 10 -6.61 14.35 5.58
CA ASP A 10 -6.53 12.95 5.19
C ASP A 10 -6.12 12.08 6.38
N GLU A 11 -5.20 12.57 7.22
CA GLU A 11 -4.82 11.79 8.40
C GLU A 11 -6.01 11.53 9.30
N GLU A 12 -6.84 12.57 9.52
CA GLU A 12 -8.09 12.35 10.26
C GLU A 12 -8.94 11.25 9.62
N ALA A 13 -9.06 11.25 8.27
CA ALA A 13 -9.92 10.27 7.62
C ALA A 13 -9.35 8.86 7.73
N VAL A 14 -8.01 8.71 7.61
CA VAL A 14 -7.38 7.41 7.78
C VAL A 14 -7.65 6.87 9.18
N ARG A 15 -7.52 7.74 10.20
CA ARG A 15 -7.66 7.28 11.58
C ARG A 15 -9.09 6.93 11.96
N SER A 16 -10.08 7.48 11.27
CA SER A 16 -11.47 7.08 11.47
C SER A 16 -11.98 6.09 10.41
N ALA A 17 -11.10 5.60 9.54
CA ALA A 17 -11.44 4.57 8.55
C ALA A 17 -12.53 5.05 7.60
N THR A 18 -12.40 6.30 7.17
CA THR A 18 -13.28 6.89 6.16
C THR A 18 -12.43 7.50 5.04
N CYS A 19 -11.25 6.96 4.81
CA CYS A 19 -10.36 7.43 3.76
C CYS A 19 -10.36 6.43 2.62
N SER A 20 -10.80 6.86 1.44
CA SER A 20 -10.70 6.04 0.23
C SER A 20 -10.43 6.93 -0.96
N PHE A 21 -9.81 6.33 -1.98
CA PHE A 21 -9.35 6.99 -3.20
C PHE A 21 -9.76 6.14 -4.38
N SER A 22 -10.25 6.77 -5.44
CA SER A 22 -10.55 6.06 -6.67
C SER A 22 -9.27 5.74 -7.44
N VAL A 23 -9.10 4.47 -7.83
CA VAL A 23 -7.87 4.00 -8.48
C VAL A 23 -8.19 3.01 -9.60
N LYS A 24 -7.21 2.80 -10.45
CA LYS A 24 -7.06 1.56 -11.21
C LYS A 24 -5.95 0.74 -10.54
N TYR A 25 -6.28 -0.50 -10.21
CA TYR A 25 -5.32 -1.44 -9.69
C TYR A 25 -4.63 -2.12 -10.87
N LEU A 26 -3.30 -1.94 -10.96
CA LEU A 26 -2.52 -2.47 -12.06
C LEU A 26 -2.02 -3.88 -11.80
N GLY A 27 -2.15 -4.39 -10.59
CA GLY A 27 -1.63 -5.70 -10.27
C GLY A 27 -0.37 -5.57 -9.44
N CYS A 28 0.41 -6.65 -9.40
CA CYS A 28 1.63 -6.67 -8.61
C CYS A 28 2.74 -7.40 -9.33
N VAL A 29 3.98 -7.11 -8.88
CA VAL A 29 5.18 -7.71 -9.44
C VAL A 29 6.16 -7.91 -8.30
N GLU A 30 6.89 -9.02 -8.34
CA GLU A 30 7.91 -9.25 -7.33
C GLU A 30 8.97 -8.16 -7.39
N VAL A 31 9.42 -7.72 -6.21
CA VAL A 31 10.57 -6.84 -6.11
C VAL A 31 11.56 -7.51 -5.16
N PHE A 32 12.82 -7.14 -5.30
CA PHE A 32 13.90 -7.81 -4.58
C PHE A 32 14.37 -7.05 -3.36
N GLU A 33 13.77 -5.90 -3.06
CA GLU A 33 14.09 -5.11 -1.89
C GLU A 33 12.80 -4.68 -1.23
N SER A 34 12.85 -4.45 0.09
CA SER A 34 11.65 -4.12 0.85
C SER A 34 11.29 -2.62 0.81
N ARG A 35 12.15 -1.76 0.28
CA ARG A 35 11.96 -0.32 0.35
C ARG A 35 12.70 0.30 -0.83
N GLY A 36 12.43 1.58 -1.07
CA GLY A 36 13.18 2.33 -2.07
C GLY A 36 12.30 2.88 -3.17
N MET A 37 12.36 4.18 -3.38
CA MET A 37 11.52 4.79 -4.40
C MET A 37 11.81 4.22 -5.78
N GLN A 38 13.09 4.01 -6.11
CA GLN A 38 13.41 3.45 -7.43
C GLN A 38 12.89 2.03 -7.61
N VAL A 39 12.89 1.24 -6.54
CA VAL A 39 12.35 -0.11 -6.64
C VAL A 39 10.86 -0.07 -7.05
N CYS A 40 10.10 0.85 -6.43
CA CYS A 40 8.69 1.01 -6.76
C CYS A 40 8.53 1.54 -8.16
N GLU A 41 9.36 2.52 -8.56
CA GLU A 41 9.14 3.11 -9.86
C GLU A 41 9.41 2.09 -10.97
N GLU A 42 10.38 1.19 -10.74
CA GLU A 42 10.63 0.17 -11.75
C GLU A 42 9.51 -0.86 -11.77
N ALA A 43 8.98 -1.22 -10.60
CA ALA A 43 7.82 -2.11 -10.57
C ALA A 43 6.65 -1.53 -11.37
N LEU A 44 6.35 -0.24 -11.14
CA LEU A 44 5.25 0.38 -11.85
C LEU A 44 5.50 0.38 -13.35
N LYS A 45 6.76 0.62 -13.75
CA LYS A 45 7.08 0.54 -15.18
C LYS A 45 6.76 -0.85 -15.75
N VAL A 46 7.13 -1.89 -15.01
CA VAL A 46 6.76 -3.25 -15.44
C VAL A 46 5.25 -3.39 -15.54
N LEU A 47 4.51 -2.91 -14.53
CA LEU A 47 3.07 -3.13 -14.50
C LEU A 47 2.40 -2.41 -15.66
N ARG A 48 2.89 -1.21 -16.00
CA ARG A 48 2.33 -0.47 -17.13
C ARG A 48 2.65 -1.13 -18.44
N GLN A 49 3.80 -1.81 -18.52
CA GLN A 49 4.14 -2.48 -19.78
C GLN A 49 3.31 -3.74 -20.05
N SER A 50 2.58 -4.26 -19.08
CA SER A 50 1.93 -5.53 -19.33
C SER A 50 0.58 -5.29 -20.01
N ARG A 51 0.06 -6.35 -20.60
CA ARG A 51 -1.20 -6.18 -21.31
C ARG A 51 -2.41 -6.44 -20.42
N ARG A 52 -2.21 -6.75 -19.14
CA ARG A 52 -3.33 -7.13 -18.28
C ARG A 52 -4.24 -5.93 -18.05
N ARG A 53 -5.53 -6.20 -17.96
CA ARG A 53 -6.51 -5.13 -17.85
C ARG A 53 -6.43 -4.50 -16.46
N PRO A 54 -6.38 -3.17 -16.37
CA PRO A 54 -6.41 -2.53 -15.04
C PRO A 54 -7.81 -2.58 -14.46
N VAL A 55 -7.91 -2.72 -13.14
CA VAL A 55 -9.21 -2.90 -12.48
C VAL A 55 -9.59 -1.62 -11.75
N ARG A 56 -10.74 -1.04 -12.11
CA ARG A 56 -11.22 0.18 -11.46
C ARG A 56 -11.82 -0.14 -10.10
N GLY A 57 -11.48 0.66 -9.11
CA GLY A 57 -12.07 0.45 -7.81
C GLY A 57 -11.73 1.57 -6.86
N LEU A 58 -11.98 1.29 -5.58
CA LEU A 58 -11.68 2.21 -4.49
C LEU A 58 -10.64 1.58 -3.60
N LEU A 59 -9.59 2.33 -3.29
CA LEU A 59 -8.55 1.97 -2.33
C LEU A 59 -8.93 2.63 -1.00
N HIS A 60 -9.39 1.81 -0.03
CA HIS A 60 -9.65 2.19 1.35
C HIS A 60 -8.39 2.04 2.19
N VAL A 61 -8.02 3.09 2.89
CA VAL A 61 -6.81 3.13 3.69
C VAL A 61 -7.22 3.30 5.15
N SER A 62 -6.78 2.37 6.00
CA SER A 62 -6.93 2.53 7.44
C SER A 62 -5.88 1.69 8.17
N GLY A 63 -5.86 1.83 9.50
CA GLY A 63 -5.04 0.94 10.31
C GLY A 63 -5.46 -0.51 10.20
N ASP A 64 -6.73 -0.76 9.85
CA ASP A 64 -7.21 -2.10 9.65
C ASP A 64 -6.74 -2.73 8.34
N GLY A 65 -6.18 -1.94 7.44
CA GLY A 65 -5.65 -2.50 6.22
C GLY A 65 -5.81 -1.58 5.03
N LEU A 66 -5.29 -2.07 3.91
CA LEU A 66 -5.52 -1.48 2.60
C LEU A 66 -6.47 -2.42 1.87
N ARG A 67 -7.63 -1.91 1.49
CA ARG A 67 -8.66 -2.72 0.86
C ARG A 67 -8.93 -2.13 -0.52
N VAL A 68 -8.91 -2.96 -1.55
CA VAL A 68 -9.29 -2.50 -2.89
C VAL A 68 -10.63 -3.16 -3.24
N VAL A 69 -11.67 -2.36 -3.42
CA VAL A 69 -13.00 -2.84 -3.76
C VAL A 69 -13.29 -2.50 -5.22
N ASP A 70 -13.57 -3.53 -5.98
CA ASP A 70 -13.83 -3.44 -7.41
C ASP A 70 -15.11 -2.65 -7.65
N ASP A 71 -15.06 -1.65 -8.52
CA ASP A 71 -16.24 -0.83 -8.81
C ASP A 71 -17.33 -1.68 -9.47
N GLU A 72 -16.96 -2.55 -10.41
CA GLU A 72 -17.96 -3.24 -11.23
C GLU A 72 -18.69 -4.30 -10.45
N THR A 73 -17.99 -5.00 -9.57
CA THR A 73 -18.48 -6.19 -8.90
C THR A 73 -18.70 -6.01 -7.42
N LYS A 74 -18.17 -4.95 -6.82
CA LYS A 74 -18.08 -4.77 -5.37
C LYS A 74 -17.25 -5.86 -4.68
N GLY A 75 -16.50 -6.66 -5.44
CA GLY A 75 -15.68 -7.68 -4.81
C GLY A 75 -14.47 -7.08 -4.14
N LEU A 76 -14.10 -7.65 -2.99
CA LEU A 76 -12.94 -7.21 -2.22
C LEU A 76 -11.73 -7.93 -2.81
N ILE A 77 -11.04 -7.27 -3.74
CA ILE A 77 -10.04 -8.00 -4.50
C ILE A 77 -8.63 -7.87 -3.93
N VAL A 78 -8.36 -6.87 -3.11
CA VAL A 78 -7.12 -6.78 -2.33
C VAL A 78 -7.49 -6.48 -0.89
N ASP A 79 -6.94 -7.25 0.05
CA ASP A 79 -7.16 -7.01 1.47
C ASP A 79 -5.82 -7.21 2.18
N GLN A 80 -5.11 -6.11 2.43
CA GLN A 80 -3.72 -6.14 2.85
C GLN A 80 -3.58 -5.62 4.28
N THR A 81 -3.12 -6.48 5.21
CA THR A 81 -2.86 -5.99 6.58
C THR A 81 -1.68 -5.02 6.57
N ILE A 82 -1.76 -3.99 7.43
CA ILE A 82 -0.72 -2.96 7.37
C ILE A 82 0.61 -3.50 7.87
N GLU A 83 0.60 -4.45 8.80
CA GLU A 83 1.81 -4.96 9.44
C GLU A 83 2.70 -5.70 8.45
N LYS A 84 2.18 -6.11 7.29
CA LYS A 84 2.98 -6.74 6.25
C LYS A 84 3.46 -5.75 5.17
N VAL A 85 3.09 -4.48 5.28
CA VAL A 85 3.47 -3.49 4.27
C VAL A 85 4.73 -2.80 4.75
N SER A 86 5.76 -2.77 3.92
CA SER A 86 7.04 -2.18 4.33
C SER A 86 7.24 -0.76 3.83
N PHE A 87 6.65 -0.41 2.69
CA PHE A 87 7.10 0.86 2.11
C PHE A 87 6.03 1.32 1.13
N CYS A 88 5.87 2.64 0.98
CA CYS A 88 5.03 3.14 -0.10
C CYS A 88 5.60 4.44 -0.67
N ALA A 89 5.26 4.70 -1.93
CA ALA A 89 5.89 5.85 -2.59
C ALA A 89 5.00 6.28 -3.75
N PRO A 90 5.06 7.57 -4.16
CA PRO A 90 4.49 7.96 -5.44
C PRO A 90 5.48 7.63 -6.55
N ASP A 91 5.30 8.24 -7.72
CA ASP A 91 6.10 7.91 -8.88
C ASP A 91 6.56 9.20 -9.55
N ARG A 92 7.88 9.41 -9.67
CA ARG A 92 8.36 10.57 -10.42
C ARG A 92 8.10 10.47 -11.91
N ASN A 93 7.74 9.30 -12.43
CA ASN A 93 7.43 9.21 -13.85
C ASN A 93 5.94 9.41 -14.16
N HIS A 94 5.07 9.43 -13.15
CA HIS A 94 3.63 9.54 -13.41
C HIS A 94 2.96 10.19 -12.22
N GLU A 95 2.32 11.34 -12.46
CA GLU A 95 1.81 12.17 -11.37
C GLU A 95 0.75 11.45 -10.57
N ARG A 96 0.03 10.52 -11.19
CA ARG A 96 -1.00 9.78 -10.48
C ARG A 96 -0.56 8.37 -10.10
N GLY A 97 0.71 8.00 -10.33
CA GLY A 97 1.17 6.66 -9.97
C GLY A 97 1.43 6.50 -8.48
N PHE A 98 1.16 5.31 -7.96
CA PHE A 98 1.43 5.08 -6.53
C PHE A 98 1.64 3.59 -6.34
N SER A 99 2.53 3.23 -5.41
CA SER A 99 2.66 1.80 -5.19
C SER A 99 3.10 1.52 -3.75
N TYR A 100 2.89 0.28 -3.34
CA TYR A 100 3.42 -0.12 -2.04
C TYR A 100 4.07 -1.49 -2.13
N ILE A 101 5.02 -1.71 -1.23
CA ILE A 101 5.75 -2.96 -1.13
C ILE A 101 5.28 -3.64 0.15
N CYS A 102 5.00 -4.94 0.03
CA CYS A 102 4.56 -5.78 1.14
C CYS A 102 5.19 -7.18 1.05
N ARG A 103 5.06 -7.96 2.14
CA ARG A 103 5.36 -9.39 2.11
C ARG A 103 4.46 -10.13 1.13
N ASP A 104 5.03 -11.08 0.39
CA ASP A 104 4.23 -11.93 -0.50
C ASP A 104 3.60 -13.05 0.30
N THR A 107 4.84 -15.95 2.74
CA THR A 107 6.18 -16.39 2.33
C THR A 107 7.23 -15.28 2.52
N ARG A 108 8.45 -15.50 2.00
CA ARG A 108 9.63 -14.69 2.30
C ARG A 108 9.91 -13.60 1.26
N ARG A 109 9.10 -13.51 0.20
CA ARG A 109 9.32 -12.60 -0.93
C ARG A 109 8.62 -11.25 -0.71
N TRP A 110 9.03 -10.27 -1.52
CA TRP A 110 8.43 -8.94 -1.54
C TRP A 110 7.67 -8.75 -2.84
N MET A 111 6.53 -8.09 -2.76
CA MET A 111 5.70 -7.78 -3.92
C MET A 111 5.36 -6.30 -3.90
N CYS A 112 5.36 -5.69 -5.08
CA CYS A 112 4.98 -4.30 -5.24
C CYS A 112 3.62 -4.26 -5.94
N HIS A 113 2.65 -3.61 -5.30
CA HIS A 113 1.29 -3.48 -5.80
C HIS A 113 1.15 -2.06 -6.33
N GLY A 114 0.75 -1.95 -7.59
CA GLY A 114 0.80 -0.69 -8.32
C GLY A 114 -0.58 -0.15 -8.66
N PHE A 115 -0.70 1.18 -8.66
CA PHE A 115 -1.97 1.86 -8.83
C PHE A 115 -1.80 3.07 -9.70
N LEU A 116 -2.86 3.40 -10.44
CA LEU A 116 -3.03 4.71 -11.05
C LEU A 116 -4.24 5.38 -10.40
N ALA A 117 -4.01 6.49 -9.68
CA ALA A 117 -5.14 7.17 -9.04
C ALA A 117 -5.95 7.91 -10.09
N CYS A 118 -7.28 7.82 -9.99
CA CYS A 118 -8.12 8.42 -11.03
C CYS A 118 -8.17 9.93 -10.95
N LYS A 119 -8.13 10.51 -9.74
CA LYS A 119 -8.28 11.96 -9.67
C LYS A 119 -7.51 12.55 -8.50
N ASP A 120 -6.45 11.89 -8.07
CA ASP A 120 -5.58 12.44 -7.04
C ASP A 120 -4.14 12.22 -7.50
N SER A 121 -3.24 13.01 -6.95
CA SER A 121 -1.82 12.74 -7.11
C SER A 121 -1.42 11.49 -6.32
N GLY A 122 -0.46 10.75 -6.85
CA GLY A 122 0.04 9.61 -6.12
C GLY A 122 0.58 9.97 -4.75
N GLU A 123 1.13 11.18 -4.60
CA GLU A 123 1.74 11.50 -3.30
C GLU A 123 0.66 11.64 -2.22
N ARG A 124 -0.56 12.03 -2.59
CA ARG A 124 -1.64 12.07 -1.61
C ARG A 124 -1.98 10.67 -1.09
N LEU A 125 -2.05 9.69 -2.00
CA LEU A 125 -2.26 8.30 -1.58
C LEU A 125 -1.11 7.82 -0.71
N SER A 126 0.12 8.16 -1.10
CA SER A 126 1.29 7.74 -0.33
C SER A 126 1.23 8.28 1.08
N HIS A 127 0.87 9.55 1.23
CA HIS A 127 0.79 10.09 2.58
C HIS A 127 -0.28 9.37 3.38
N ALA A 128 -1.43 9.10 2.76
CA ALA A 128 -2.50 8.42 3.49
C ALA A 128 -2.02 7.06 4.00
N VAL A 129 -1.41 6.27 3.12
CA VAL A 129 -0.87 4.98 3.53
C VAL A 129 0.17 5.15 4.63
N GLY A 130 1.03 6.18 4.53
CA GLY A 130 1.95 6.49 5.62
C GLY A 130 1.27 6.76 6.96
N CYS A 131 0.08 7.38 6.93
CA CYS A 131 -0.69 7.52 8.17
C CYS A 131 -1.14 6.16 8.69
N ALA A 132 -1.49 5.25 7.79
CA ALA A 132 -1.86 3.93 8.27
C ALA A 132 -0.67 3.26 8.95
N PHE A 133 0.54 3.49 8.42
CA PHE A 133 1.74 3.03 9.10
C PHE A 133 1.80 3.55 10.52
N ALA A 134 1.58 4.86 10.69
CA ALA A 134 1.60 5.44 12.04
C ALA A 134 0.65 4.68 12.97
N VAL A 135 -0.59 4.45 12.52
CA VAL A 135 -1.55 3.73 13.35
C VAL A 135 -1.05 2.32 13.66
N CYS A 136 -0.48 1.65 12.66
CA CYS A 136 0.10 0.32 12.84
C CYS A 136 1.11 0.32 13.99
N LEU A 137 2.04 1.28 13.98
CA LEU A 137 3.03 1.35 15.05
C LEU A 137 2.36 1.61 16.39
N GLU A 138 1.29 2.41 16.39
CA GLU A 138 0.61 2.65 17.66
C GLU A 138 -0.04 1.39 18.22
N ARG A 139 -0.52 0.48 17.36
CA ARG A 139 -1.26 -0.69 17.86
C ARG A 139 -0.32 -1.78 18.42
N LYS B 4 13.17 14.87 -10.66
CA LYS B 4 12.73 15.23 -9.32
C LYS B 4 13.51 14.48 -8.22
N ARG B 5 13.54 15.05 -7.02
CA ARG B 5 14.06 14.35 -5.87
C ARG B 5 12.98 13.48 -5.25
N GLU B 6 13.41 12.56 -4.41
CA GLU B 6 12.45 11.67 -3.76
C GLU B 6 11.59 12.48 -2.80
N HIS B 7 10.29 12.14 -2.77
CA HIS B 7 9.35 12.88 -1.96
C HIS B 7 8.20 11.95 -1.59
N ALA B 8 7.55 12.25 -0.45
CA ALA B 8 6.33 11.54 -0.06
C ALA B 8 6.55 10.03 0.03
N CYS B 9 7.76 9.61 0.41
CA CYS B 9 8.06 8.20 0.60
C CYS B 9 7.91 7.85 2.07
N PHE B 10 7.39 6.66 2.37
CA PHE B 10 7.19 6.26 3.77
C PHE B 10 7.58 4.83 3.99
N GLU B 11 8.40 4.60 5.02
CA GLU B 11 8.68 3.28 5.57
C GLU B 11 7.72 3.01 6.72
N ASN B 12 7.38 1.74 6.90
CA ASN B 12 6.47 1.36 7.97
C ASN B 12 7.27 0.92 9.19
N PRO B 13 7.35 1.72 10.27
CA PRO B 13 8.03 1.26 11.49
C PRO B 13 7.34 0.09 12.16
N GLY B 14 6.04 -0.08 11.94
CA GLY B 14 5.28 -1.22 12.44
C GLY B 14 5.35 -2.48 11.61
N LEU B 15 6.18 -2.52 10.56
CA LEU B 15 6.35 -3.74 9.79
C LEU B 15 6.76 -4.90 10.70
N ASN B 16 5.99 -5.99 10.63
CA ASN B 16 6.31 -7.17 11.43
C ASN B 16 7.37 -8.01 10.71
N LEU B 17 8.55 -8.08 11.32
CA LEU B 17 9.64 -8.91 10.84
C LEU B 17 9.52 -10.35 11.32
N GLU B 18 9.16 -10.52 12.61
CA GLU B 18 9.11 -11.82 13.26
C GLU B 18 7.98 -12.72 12.75
N LYS B 22 3.14 -18.64 14.87
CA LYS B 22 3.18 -20.07 15.21
C LYS B 22 1.75 -20.64 15.27
N GLN B 23 1.50 -21.71 14.52
CA GLN B 23 0.15 -22.26 14.38
C GLN B 23 -0.04 -23.38 15.39
N PHE B 24 -1.19 -23.39 16.06
CA PHE B 24 -1.38 -24.29 17.19
C PHE B 24 -1.61 -25.72 16.69
N ASN B 25 -0.91 -26.67 17.31
CA ASN B 25 -0.97 -28.08 16.92
C ASN B 25 -1.44 -28.84 18.16
N PRO B 26 -2.63 -29.44 18.15
CA PRO B 26 -3.09 -30.11 19.37
C PRO B 26 -2.23 -31.30 19.75
N TYR B 27 -1.42 -31.81 18.84
CA TYR B 27 -0.51 -32.92 19.16
C TYR B 27 0.84 -32.44 19.67
N GLU B 28 1.08 -31.15 19.76
CA GLU B 28 2.40 -30.66 20.14
C GLU B 28 2.52 -30.56 21.66
N VAL B 29 3.65 -31.00 22.17
CA VAL B 29 4.07 -30.82 23.55
C VAL B 29 5.01 -29.62 23.64
N VAL B 30 4.75 -28.77 24.57
CA VAL B 30 5.58 -27.58 24.78
C VAL B 30 6.76 -27.94 25.67
N ARG B 31 7.92 -27.37 25.37
CA ARG B 31 9.09 -27.60 26.20
C ARG B 31 9.01 -26.84 27.52
N SER B 32 9.54 -27.46 28.57
CA SER B 32 9.85 -26.76 29.82
C SER B 32 11.12 -27.33 30.47
C FMT C . 9.12 7.66 7.03
O1 FMT C . 9.65 6.91 6.21
O2 FMT C . 8.81 7.31 8.19
#